data_8BBO
#
_entry.id   8BBO
#
_cell.length_a   99.141
_cell.length_b   99.141
_cell.length_c   86.054
_cell.angle_alpha   90.000
_cell.angle_beta   90.000
_cell.angle_gamma   90.000
#
_symmetry.space_group_name_H-M   'P 41'
#
loop_
_entity.id
_entity.type
_entity.pdbx_description
1 polymer 'Spike glycoprotein'
2 polymer 'IGH@ protein'
3 polymer 'Immunoglobulin kappa light chain'
4 non-polymer 2-acetamido-2-deoxy-beta-D-glucopyranose
#
loop_
_entity_poly.entity_id
_entity_poly.type
_entity_poly.pdbx_seq_one_letter_code
_entity_poly.pdbx_strand_id
1 'polypeptide(L)'
;HHHHHHTNLCPFGEVFNATRFASVYAWNRKRISNCVADYSVLYNSASFSTFKCYGVSPTKLNDLCFTNVYADSFVIRGDE
VRQIAPGQTGKIADYNYKLPDDFTGCVIAWNSNNLDSKVGGNYNYRYRLFRKSNLKPFERDISTEIYQAGSKPCNGVEGF
NCYFPLQSYGFQPTNGVGYQPYRVVVLSFELLHAPATVCGKK
;
R
2 'polypeptide(L)'
;QVQLVESGPGRVKPSQTLSLTCTVSGDSINSGINYWNWIRQPAGKELEWIGRIFTSGTTHYNPSLKSRVTISVDRSKNEF
SLTLNSVTAADTAVYFCGRGGTDDYVDYWGQGTLVTVSSASTKGPSVFPLAPSSKSTSGGTAALGCLVKDYFPEPVTVSW
NSGALTSGVHTFPAVLQSSGLYSLSSVVTVPSSSLGTQTYICNVNHKPSNTKVDKRVEPKSCDK
;
H
3 'polypeptide(L)'
;AIQMTQSPSTLSASVGDRVTITCRASQDINSWLAWYQQKPGKAPKLLIYDASSLHSGVPTRFSGSGSGTEFTLTISSLQP
DDFASYYCQQYKSYRTFGRGTKVEIKRTVAAPSVFIFPPSDEQLKSGTASVVCLLNNFYPREAKVQWKVDNALQSGNSQE
SVTEQDSKDSTYSLSSTLTLSKADYEKHKVYACEVTHQGLSSPVTKSFNRGEC
;
L
#
loop_
_chem_comp.id
_chem_comp.type
_chem_comp.name
_chem_comp.formula
NAG D-saccharide, beta linking 2-acetamido-2-deoxy-beta-D-glucopyranose 'C8 H15 N O6'
#
# COMPACT_ATOMS: atom_id res chain seq x y z
N LEU A 9 -2.67 -21.86 -34.06
CA LEU A 9 -4.06 -21.68 -33.69
C LEU A 9 -4.37 -20.21 -33.44
N CYS A 10 -5.56 -19.78 -33.86
CA CYS A 10 -5.95 -18.39 -33.64
C CYS A 10 -6.24 -18.15 -32.17
N PRO A 11 -5.87 -16.99 -31.62
CA PRO A 11 -6.03 -16.72 -30.19
C PRO A 11 -7.45 -16.30 -29.80
N PHE A 12 -8.44 -17.10 -30.21
CA PHE A 12 -9.81 -16.84 -29.80
C PHE A 12 -9.99 -17.00 -28.29
N GLY A 13 -9.13 -17.80 -27.66
CA GLY A 13 -9.21 -17.95 -26.21
C GLY A 13 -8.88 -16.66 -25.48
N GLU A 14 -7.91 -15.90 -26.00
CA GLU A 14 -7.55 -14.64 -25.36
C GLU A 14 -8.70 -13.64 -25.41
N VAL A 15 -9.49 -13.66 -26.48
CA VAL A 15 -10.59 -12.71 -26.62
C VAL A 15 -11.75 -13.11 -25.71
N PHE A 16 -12.13 -14.38 -25.74
CA PHE A 16 -13.30 -14.82 -25.00
C PHE A 16 -13.00 -15.04 -23.51
N ASN A 17 -11.83 -15.59 -23.21
CA ASN A 17 -11.46 -15.90 -21.83
C ASN A 17 -10.64 -14.80 -21.17
N ALA A 18 -10.75 -13.57 -21.66
CA ALA A 18 -10.02 -12.46 -21.07
C ALA A 18 -10.55 -12.17 -19.67
N THR A 19 -9.62 -11.97 -18.72
CA THR A 19 -10.02 -11.69 -17.34
C THR A 19 -10.82 -10.40 -17.25
N ARG A 20 -10.34 -9.35 -17.91
CA ARG A 20 -10.99 -8.05 -17.91
C ARG A 20 -11.46 -7.71 -19.31
N PHE A 21 -12.65 -7.11 -19.40
CA PHE A 21 -13.21 -6.66 -20.66
C PHE A 21 -13.24 -5.13 -20.70
N ALA A 22 -13.38 -4.60 -21.90
CA ALA A 22 -13.37 -3.16 -22.10
C ALA A 22 -14.77 -2.58 -21.89
N SER A 23 -14.82 -1.28 -21.64
CA SER A 23 -16.08 -0.57 -21.64
C SER A 23 -16.60 -0.45 -23.08
N VAL A 24 -17.92 -0.27 -23.20
CA VAL A 24 -18.53 -0.24 -24.53
C VAL A 24 -18.09 0.99 -25.30
N TYR A 25 -17.81 2.11 -24.62
CA TYR A 25 -17.39 3.30 -25.34
C TYR A 25 -15.95 3.17 -25.84
N ALA A 26 -15.10 2.50 -25.06
CA ALA A 26 -13.71 2.24 -25.47
C ALA A 26 -13.53 0.76 -25.77
N TRP A 27 -14.31 0.24 -26.72
CA TRP A 27 -14.36 -1.19 -26.99
C TRP A 27 -13.04 -1.67 -27.58
N ASN A 28 -12.54 -2.79 -27.04
CA ASN A 28 -11.33 -3.40 -27.57
C ASN A 28 -11.59 -4.04 -28.92
N ARG A 29 -10.56 -4.03 -29.76
CA ARG A 29 -10.58 -4.72 -31.05
C ARG A 29 -9.27 -5.48 -31.23
N LYS A 30 -9.36 -6.75 -31.61
CA LYS A 30 -8.20 -7.60 -31.81
C LYS A 30 -8.22 -8.12 -33.24
N ARG A 31 -7.15 -7.83 -33.99
CA ARG A 31 -7.03 -8.32 -35.36
C ARG A 31 -6.50 -9.75 -35.34
N ILE A 32 -7.16 -10.62 -36.10
CA ILE A 32 -6.85 -12.04 -36.12
C ILE A 32 -6.59 -12.45 -37.56
N SER A 33 -5.37 -12.89 -37.83
CA SER A 33 -4.98 -13.36 -39.15
C SER A 33 -3.86 -14.37 -38.99
N ASN A 34 -3.60 -15.12 -40.06
CA ASN A 34 -2.45 -16.00 -40.17
C ASN A 34 -2.43 -17.05 -39.05
N CYS A 35 -3.45 -17.90 -39.06
CA CYS A 35 -3.60 -18.92 -38.04
C CYS A 35 -4.69 -19.88 -38.48
N VAL A 36 -4.76 -21.01 -37.77
CA VAL A 36 -5.82 -21.99 -37.94
C VAL A 36 -6.91 -21.69 -36.91
N ALA A 37 -8.12 -21.44 -37.39
CA ALA A 37 -9.22 -21.03 -36.52
C ALA A 37 -10.12 -22.22 -36.23
N ASP A 38 -10.39 -22.46 -34.95
CA ASP A 38 -11.37 -23.47 -34.53
C ASP A 38 -12.75 -22.82 -34.49
N TYR A 39 -13.30 -22.60 -35.68
CA TYR A 39 -14.58 -21.92 -35.80
C TYR A 39 -15.71 -22.75 -35.18
N SER A 40 -15.84 -24.01 -35.61
CA SER A 40 -16.91 -24.85 -35.09
C SER A 40 -16.71 -25.21 -33.63
N VAL A 41 -15.48 -25.07 -33.11
CA VAL A 41 -15.22 -25.36 -31.70
C VAL A 41 -15.46 -24.17 -30.80
N LEU A 42 -15.71 -22.98 -31.37
CA LEU A 42 -16.08 -21.83 -30.54
C LEU A 42 -17.43 -22.06 -29.88
N TYR A 43 -18.41 -22.51 -30.64
CA TYR A 43 -19.73 -22.82 -30.08
C TYR A 43 -19.83 -24.30 -29.76
N ASN A 44 -19.08 -24.69 -28.72
CA ASN A 44 -19.20 -26.00 -28.12
C ASN A 44 -19.74 -25.96 -26.70
N SER A 45 -19.63 -24.82 -26.03
CA SER A 45 -20.18 -24.64 -24.69
C SER A 45 -21.57 -24.02 -24.78
N ALA A 46 -22.38 -24.28 -23.75
CA ALA A 46 -23.71 -23.72 -23.64
C ALA A 46 -23.71 -22.39 -22.89
N SER A 47 -22.55 -21.74 -22.76
CA SER A 47 -22.46 -20.51 -21.99
C SER A 47 -23.03 -19.30 -22.74
N PHE A 48 -23.08 -19.37 -24.06
CA PHE A 48 -23.49 -18.22 -24.87
C PHE A 48 -25.00 -18.06 -24.79
N SER A 49 -25.45 -16.98 -24.16
CA SER A 49 -26.87 -16.66 -24.08
C SER A 49 -27.38 -15.86 -25.27
N THR A 50 -26.51 -15.56 -26.23
CA THR A 50 -26.91 -14.87 -27.46
C THR A 50 -25.87 -15.17 -28.52
N PHE A 51 -26.29 -15.82 -29.61
CA PHE A 51 -25.39 -16.17 -30.71
C PHE A 51 -26.15 -15.89 -32.01
N LYS A 52 -25.88 -14.74 -32.62
CA LYS A 52 -26.57 -14.31 -33.83
C LYS A 52 -25.54 -13.94 -34.88
N CYS A 53 -25.57 -14.65 -36.01
CA CYS A 53 -24.70 -14.36 -37.14
C CYS A 53 -25.49 -13.62 -38.21
N TYR A 54 -24.80 -12.71 -38.91
CA TYR A 54 -25.41 -11.87 -39.93
C TYR A 54 -24.54 -11.95 -41.19
N GLY A 55 -25.10 -12.50 -42.26
CA GLY A 55 -24.39 -12.63 -43.52
C GLY A 55 -23.60 -13.91 -43.70
N VAL A 56 -23.29 -14.60 -42.61
CA VAL A 56 -22.56 -15.86 -42.66
C VAL A 56 -23.30 -16.91 -41.84
N SER A 57 -23.17 -18.16 -42.24
CA SER A 57 -23.74 -19.25 -41.45
C SER A 57 -22.71 -19.73 -40.44
N PRO A 58 -23.08 -19.87 -39.16
CA PRO A 58 -22.11 -20.35 -38.17
C PRO A 58 -21.59 -21.75 -38.44
N THR A 59 -22.31 -22.54 -39.25
CA THR A 59 -21.85 -23.87 -39.61
C THR A 59 -20.93 -23.87 -40.84
N LYS A 60 -20.95 -22.79 -41.62
CA LYS A 60 -20.15 -22.70 -42.84
C LYS A 60 -18.85 -21.93 -42.63
N LEU A 61 -18.45 -21.69 -41.38
CA LEU A 61 -17.20 -20.99 -41.12
C LEU A 61 -15.99 -21.91 -41.25
N ASN A 62 -16.15 -23.19 -40.92
CA ASN A 62 -15.03 -24.13 -41.00
C ASN A 62 -14.59 -24.40 -42.43
N ASP A 63 -15.41 -24.06 -43.43
CA ASP A 63 -15.07 -24.24 -44.82
C ASP A 63 -14.83 -22.92 -45.54
N LEU A 64 -14.62 -21.84 -44.79
CA LEU A 64 -14.41 -20.51 -45.37
C LEU A 64 -13.07 -19.96 -44.93
N CYS A 65 -12.34 -19.39 -45.88
CA CYS A 65 -11.06 -18.73 -45.61
C CYS A 65 -11.27 -17.22 -45.70
N PHE A 66 -10.91 -16.51 -44.63
CA PHE A 66 -11.04 -15.07 -44.57
C PHE A 66 -9.66 -14.41 -44.49
N THR A 67 -9.62 -13.14 -44.91
CA THR A 67 -8.37 -12.39 -44.83
C THR A 67 -8.11 -11.89 -43.41
N ASN A 68 -9.14 -11.33 -42.77
CA ASN A 68 -9.00 -10.79 -41.43
C ASN A 68 -10.23 -11.14 -40.61
N VAL A 69 -10.03 -11.25 -39.29
CA VAL A 69 -11.10 -11.45 -38.32
C VAL A 69 -10.89 -10.44 -37.21
N TYR A 70 -11.84 -9.53 -37.03
CA TYR A 70 -11.76 -8.50 -36.00
C TYR A 70 -12.67 -8.87 -34.85
N ALA A 71 -12.09 -9.01 -33.66
CA ALA A 71 -12.82 -9.40 -32.46
C ALA A 71 -13.03 -8.17 -31.59
N ASP A 72 -14.27 -7.67 -31.56
CA ASP A 72 -14.63 -6.50 -30.77
C ASP A 72 -15.30 -6.97 -29.48
N SER A 73 -14.66 -6.67 -28.35
CA SER A 73 -15.12 -7.12 -27.04
C SER A 73 -15.41 -5.93 -26.15
N PHE A 74 -16.48 -6.03 -25.37
CA PHE A 74 -16.88 -5.00 -24.41
C PHE A 74 -17.92 -5.61 -23.48
N VAL A 75 -18.49 -4.78 -22.60
CA VAL A 75 -19.49 -5.20 -21.63
C VAL A 75 -20.62 -4.18 -21.63
N ILE A 76 -21.85 -4.65 -21.72
CA ILE A 76 -23.04 -3.81 -21.70
C ILE A 76 -24.07 -4.42 -20.78
N ARG A 77 -25.23 -3.76 -20.69
CA ARG A 77 -26.35 -4.28 -19.92
C ARG A 77 -27.00 -5.45 -20.65
N GLY A 78 -27.87 -6.17 -19.93
CA GLY A 78 -28.57 -7.28 -20.54
C GLY A 78 -29.63 -6.83 -21.53
N ASP A 79 -30.39 -5.78 -21.18
CA ASP A 79 -31.42 -5.27 -22.07
C ASP A 79 -30.86 -4.57 -23.30
N GLU A 80 -29.57 -4.24 -23.30
CA GLU A 80 -28.93 -3.54 -24.41
C GLU A 80 -28.24 -4.49 -25.39
N VAL A 81 -28.24 -5.80 -25.11
CA VAL A 81 -27.63 -6.75 -26.05
C VAL A 81 -28.39 -6.77 -27.36
N ARG A 82 -29.70 -6.48 -27.33
CA ARG A 82 -30.49 -6.42 -28.55
C ARG A 82 -30.06 -5.29 -29.47
N GLN A 83 -29.29 -4.33 -28.97
CA GLN A 83 -28.81 -3.23 -29.80
C GLN A 83 -27.58 -3.59 -30.61
N ILE A 84 -26.87 -4.66 -30.25
CA ILE A 84 -25.67 -5.07 -30.98
C ILE A 84 -26.09 -5.87 -32.20
N ALA A 85 -26.73 -5.19 -33.15
CA ALA A 85 -27.19 -5.80 -34.39
C ALA A 85 -27.31 -4.70 -35.43
N PRO A 86 -27.20 -5.02 -36.72
CA PRO A 86 -27.29 -3.98 -37.74
C PRO A 86 -28.64 -3.27 -37.72
N GLY A 87 -28.61 -1.96 -37.94
CA GLY A 87 -29.83 -1.19 -38.03
C GLY A 87 -30.56 -0.97 -36.72
N GLN A 88 -29.86 -1.07 -35.59
CA GLN A 88 -30.47 -0.86 -34.29
C GLN A 88 -30.23 0.58 -33.82
N THR A 89 -31.11 1.05 -32.94
CA THR A 89 -31.05 2.40 -32.40
C THR A 89 -31.20 2.35 -30.89
N GLY A 90 -30.73 3.41 -30.25
CA GLY A 90 -30.77 3.53 -28.81
C GLY A 90 -29.64 4.41 -28.33
N LYS A 91 -29.07 4.04 -27.18
CA LYS A 91 -27.89 4.71 -26.65
C LYS A 91 -26.60 3.97 -26.94
N ILE A 92 -26.61 2.64 -26.84
CA ILE A 92 -25.42 1.86 -27.16
C ILE A 92 -25.18 1.85 -28.67
N ALA A 93 -26.24 1.74 -29.46
CA ALA A 93 -26.11 1.71 -30.91
C ALA A 93 -25.75 3.06 -31.50
N ASP A 94 -26.17 4.15 -30.87
CA ASP A 94 -25.95 5.48 -31.43
C ASP A 94 -24.70 6.16 -30.89
N TYR A 95 -24.36 5.93 -29.63
CA TYR A 95 -23.30 6.70 -28.98
C TYR A 95 -22.09 5.88 -28.55
N ASN A 96 -22.16 4.55 -28.57
CA ASN A 96 -21.09 3.71 -28.03
C ASN A 96 -20.51 2.76 -29.06
N TYR A 97 -21.32 1.87 -29.64
CA TYR A 97 -20.85 0.92 -30.64
C TYR A 97 -21.93 0.74 -31.70
N LYS A 98 -21.56 0.95 -32.95
CA LYS A 98 -22.49 0.92 -34.07
C LYS A 98 -22.02 -0.09 -35.10
N LEU A 99 -22.88 -1.05 -35.43
CA LEU A 99 -22.58 -1.99 -36.51
C LEU A 99 -23.16 -1.49 -37.83
N PRO A 100 -22.48 -1.72 -38.94
CA PRO A 100 -23.00 -1.27 -40.24
C PRO A 100 -24.21 -2.08 -40.67
N ASP A 101 -24.92 -1.55 -41.67
CA ASP A 101 -26.09 -2.24 -42.19
C ASP A 101 -25.72 -3.52 -42.90
N ASP A 102 -24.64 -3.50 -43.69
CA ASP A 102 -24.15 -4.69 -44.38
C ASP A 102 -23.13 -5.45 -43.54
N PHE A 103 -23.39 -5.59 -42.25
CA PHE A 103 -22.45 -6.24 -41.34
C PHE A 103 -22.36 -7.73 -41.67
N THR A 104 -21.14 -8.24 -41.73
CA THR A 104 -20.87 -9.65 -42.03
C THR A 104 -20.07 -10.24 -40.86
N GLY A 105 -20.78 -10.81 -39.90
CA GLY A 105 -20.12 -11.39 -38.75
C GLY A 105 -21.10 -12.05 -37.82
N CYS A 106 -20.64 -12.29 -36.59
CA CYS A 106 -21.45 -12.94 -35.56
C CYS A 106 -21.30 -12.20 -34.24
N VAL A 107 -22.41 -12.00 -33.55
CA VAL A 107 -22.43 -11.34 -32.25
C VAL A 107 -22.64 -12.39 -31.18
N ILE A 108 -21.71 -12.48 -30.23
CA ILE A 108 -21.73 -13.49 -29.18
C ILE A 108 -21.72 -12.77 -27.83
N ALA A 109 -22.79 -12.95 -27.06
CA ALA A 109 -22.91 -12.34 -25.75
C ALA A 109 -23.32 -13.39 -24.72
N TRP A 110 -22.83 -13.23 -23.50
CA TRP A 110 -23.17 -14.15 -22.41
C TRP A 110 -23.19 -13.40 -21.09
N ASN A 111 -24.04 -13.88 -20.19
CA ASN A 111 -24.17 -13.27 -18.87
C ASN A 111 -22.90 -13.46 -18.06
N SER A 112 -22.39 -12.38 -17.49
CA SER A 112 -21.17 -12.38 -16.70
C SER A 112 -21.42 -11.72 -15.35
N ASN A 113 -22.53 -12.08 -14.71
CA ASN A 113 -22.85 -11.52 -13.40
C ASN A 113 -21.85 -11.93 -12.32
N ASN A 114 -21.13 -13.04 -12.53
CA ASN A 114 -20.18 -13.49 -11.52
C ASN A 114 -18.95 -12.57 -11.50
N LEU A 115 -18.41 -12.25 -12.67
CA LEU A 115 -17.17 -11.49 -12.73
C LEU A 115 -17.45 -9.98 -12.65
N ASP A 116 -18.22 -9.46 -13.62
CA ASP A 116 -18.38 -8.02 -13.81
C ASP A 116 -19.42 -7.40 -12.88
N SER A 117 -19.80 -8.07 -11.80
CA SER A 117 -20.70 -7.50 -10.80
C SER A 117 -20.08 -7.66 -9.42
N LYS A 118 -20.08 -6.58 -8.65
CA LYS A 118 -19.48 -6.55 -7.33
C LYS A 118 -20.52 -6.08 -6.32
N VAL A 119 -20.31 -6.48 -5.06
CA VAL A 119 -21.29 -6.20 -4.02
C VAL A 119 -21.51 -4.70 -3.87
N GLY A 120 -20.43 -3.95 -3.68
CA GLY A 120 -20.54 -2.50 -3.58
C GLY A 120 -20.79 -1.78 -4.87
N GLY A 121 -20.99 -2.50 -5.97
CA GLY A 121 -21.18 -1.88 -7.26
C GLY A 121 -19.89 -1.78 -8.04
N ASN A 122 -19.88 -2.31 -9.27
CA ASN A 122 -18.71 -2.27 -10.13
C ASN A 122 -18.86 -1.06 -11.06
N TYR A 123 -18.02 -0.05 -10.86
CA TYR A 123 -18.10 1.19 -11.62
C TYR A 123 -17.05 1.29 -12.71
N ASN A 124 -16.33 0.21 -13.00
CA ASN A 124 -15.33 0.24 -14.07
C ASN A 124 -15.95 0.31 -15.45
N TYR A 125 -17.19 -0.17 -15.61
CA TYR A 125 -17.84 -0.24 -16.91
C TYR A 125 -18.73 0.98 -17.10
N ARG A 126 -18.52 1.71 -18.19
CA ARG A 126 -19.23 2.95 -18.46
C ARG A 126 -19.70 2.97 -19.91
N TYR A 127 -20.67 3.84 -20.18
CA TYR A 127 -21.23 4.02 -21.50
C TYR A 127 -21.42 5.51 -21.77
N ARG A 128 -21.31 5.89 -23.03
CA ARG A 128 -21.52 7.28 -23.42
C ARG A 128 -23.01 7.59 -23.41
N LEU A 129 -23.40 8.59 -22.63
CA LEU A 129 -24.80 8.95 -22.47
C LEU A 129 -25.22 10.13 -23.34
N PHE A 130 -24.34 11.11 -23.52
CA PHE A 130 -24.63 12.30 -24.31
C PHE A 130 -23.67 12.40 -25.49
N ARG A 131 -24.21 12.77 -26.64
CA ARG A 131 -23.38 12.99 -27.83
C ARG A 131 -24.18 13.85 -28.81
N LYS A 132 -23.48 14.75 -29.50
CA LYS A 132 -24.15 15.66 -30.42
C LYS A 132 -24.62 14.97 -31.69
N SER A 133 -24.07 13.79 -32.02
CA SER A 133 -24.46 13.06 -33.22
C SER A 133 -24.21 11.58 -32.99
N ASN A 134 -24.82 10.77 -33.84
CA ASN A 134 -24.63 9.34 -33.77
C ASN A 134 -23.26 8.95 -34.30
N LEU A 135 -22.79 7.78 -33.87
CA LEU A 135 -21.52 7.26 -34.36
C LEU A 135 -21.67 6.69 -35.77
N LYS A 136 -20.61 6.83 -36.54
CA LYS A 136 -20.50 6.06 -37.77
C LYS A 136 -20.08 4.64 -37.43
N PRO A 137 -20.35 3.67 -38.31
CA PRO A 137 -20.03 2.27 -38.00
C PRO A 137 -18.56 2.09 -37.66
N PHE A 138 -18.32 1.36 -36.56
CA PHE A 138 -16.98 1.00 -36.10
C PHE A 138 -16.16 2.22 -35.68
N GLU A 139 -16.84 3.28 -35.25
CA GLU A 139 -16.18 4.47 -34.71
C GLU A 139 -16.13 4.38 -33.20
N ARG A 140 -14.95 4.62 -32.63
CA ARG A 140 -14.75 4.60 -31.19
C ARG A 140 -14.50 6.02 -30.70
N ASP A 141 -15.36 6.50 -29.80
CA ASP A 141 -15.26 7.83 -29.22
C ASP A 141 -14.89 7.67 -27.75
N ILE A 142 -13.70 8.13 -27.39
CA ILE A 142 -13.18 7.99 -26.04
C ILE A 142 -12.96 9.35 -25.37
N SER A 143 -13.56 10.41 -25.91
CA SER A 143 -13.38 11.75 -25.35
C SER A 143 -14.22 11.91 -24.10
N THR A 144 -13.62 12.53 -23.09
CA THR A 144 -14.30 12.84 -21.83
C THR A 144 -14.62 14.33 -21.70
N GLU A 145 -14.82 15.00 -22.83
CA GLU A 145 -15.12 16.43 -22.80
C GLU A 145 -16.50 16.67 -22.20
N ILE A 146 -16.61 17.70 -21.36
CA ILE A 146 -17.88 18.03 -20.73
C ILE A 146 -18.88 18.41 -21.82
N TYR A 147 -20.02 17.73 -21.81
CA TYR A 147 -21.05 17.97 -22.82
C TYR A 147 -21.82 19.24 -22.49
N GLN A 148 -21.90 20.14 -23.47
CA GLN A 148 -22.64 21.39 -23.33
C GLN A 148 -24.04 21.20 -23.87
N ALA A 149 -24.95 20.77 -23.00
CA ALA A 149 -26.38 20.73 -23.35
C ALA A 149 -27.04 22.02 -22.90
N GLY A 150 -26.76 23.09 -23.63
CA GLY A 150 -27.34 24.38 -23.33
C GLY A 150 -26.45 25.51 -23.83
N SER A 151 -26.80 26.71 -23.38
CA SER A 151 -26.23 27.92 -23.98
C SER A 151 -24.80 28.15 -23.50
N LYS A 152 -24.62 28.36 -22.19
CA LYS A 152 -23.35 28.84 -21.68
C LYS A 152 -22.24 27.79 -21.84
N PRO A 153 -21.01 28.23 -22.12
CA PRO A 153 -19.89 27.29 -22.16
C PRO A 153 -19.66 26.65 -20.79
N CYS A 154 -18.87 25.59 -20.80
CA CYS A 154 -18.62 24.79 -19.60
C CYS A 154 -17.26 25.02 -18.98
N ASN A 155 -16.24 25.33 -19.79
CA ASN A 155 -14.89 25.59 -19.32
C ASN A 155 -14.33 24.40 -18.53
N GLY A 156 -14.71 23.19 -18.93
CA GLY A 156 -14.21 21.98 -18.30
C GLY A 156 -14.85 21.63 -16.97
N VAL A 157 -15.88 22.37 -16.54
CA VAL A 157 -16.55 22.13 -15.27
C VAL A 157 -18.03 21.89 -15.55
N GLU A 158 -18.62 20.95 -14.81
CA GLU A 158 -20.02 20.60 -14.98
C GLU A 158 -20.90 21.46 -14.08
N GLY A 159 -22.08 21.82 -14.60
CA GLY A 159 -23.04 22.61 -13.86
C GLY A 159 -24.37 22.66 -14.58
N PHE A 160 -24.98 23.84 -14.65
CA PHE A 160 -26.19 24.00 -15.45
C PHE A 160 -25.83 23.88 -16.92
N ASN A 161 -26.51 22.97 -17.62
CA ASN A 161 -26.33 22.79 -19.06
C ASN A 161 -24.92 22.26 -19.39
N CYS A 162 -24.29 21.60 -18.42
CA CYS A 162 -22.96 21.02 -18.59
C CYS A 162 -22.89 19.72 -17.81
N TYR A 163 -22.66 18.61 -18.51
CA TYR A 163 -22.72 17.29 -17.91
C TYR A 163 -21.54 16.45 -18.37
N PHE A 164 -21.19 15.46 -17.56
CA PHE A 164 -20.12 14.52 -17.91
C PHE A 164 -20.67 13.46 -18.87
N PRO A 165 -19.99 13.19 -19.98
CA PRO A 165 -20.59 12.37 -21.05
C PRO A 165 -20.58 10.88 -20.79
N LEU A 166 -20.00 10.40 -19.70
CA LEU A 166 -19.87 8.97 -19.44
C LEU A 166 -20.56 8.62 -18.14
N GLN A 167 -21.63 7.82 -18.24
CA GLN A 167 -22.29 7.26 -17.08
C GLN A 167 -21.83 5.82 -16.88
N SER A 168 -21.85 5.36 -15.63
CA SER A 168 -21.36 4.05 -15.26
C SER A 168 -22.51 3.12 -14.90
N TYR A 169 -22.43 1.87 -15.37
CA TYR A 169 -23.34 0.83 -14.91
C TYR A 169 -23.03 0.50 -13.45
N GLY A 170 -23.99 0.73 -12.56
CA GLY A 170 -23.84 0.32 -11.18
C GLY A 170 -24.06 -1.17 -11.02
N PHE A 171 -23.11 -1.97 -11.46
CA PHE A 171 -23.28 -3.42 -11.54
C PHE A 171 -23.22 -4.03 -10.14
N GLN A 172 -24.36 -4.51 -9.66
CA GLN A 172 -24.49 -5.24 -8.42
C GLN A 172 -25.11 -6.61 -8.68
N PRO A 173 -24.78 -7.62 -7.89
CA PRO A 173 -25.32 -8.97 -8.16
C PRO A 173 -26.81 -9.09 -7.94
N THR A 174 -27.44 -8.12 -7.25
CA THR A 174 -28.87 -8.19 -6.96
C THR A 174 -29.73 -7.64 -8.11
N ASN A 175 -29.12 -7.12 -9.16
CA ASN A 175 -29.87 -6.53 -10.26
C ASN A 175 -30.54 -7.59 -11.11
N GLY A 176 -31.64 -7.22 -11.75
CA GLY A 176 -32.32 -8.13 -12.65
C GLY A 176 -31.48 -8.47 -13.87
N VAL A 177 -31.88 -9.55 -14.53
CA VAL A 177 -31.13 -10.06 -15.69
C VAL A 177 -31.07 -8.99 -16.78
N GLY A 178 -32.05 -8.11 -16.83
CA GLY A 178 -32.02 -7.00 -17.77
C GLY A 178 -31.06 -5.89 -17.42
N TYR A 179 -30.50 -5.91 -16.21
CA TYR A 179 -29.53 -4.91 -15.78
C TYR A 179 -28.21 -5.52 -15.35
N GLN A 180 -28.03 -6.84 -15.54
CA GLN A 180 -26.79 -7.53 -15.21
C GLN A 180 -25.80 -7.41 -16.38
N PRO A 181 -24.50 -7.46 -16.09
CA PRO A 181 -23.51 -7.29 -17.14
C PRO A 181 -23.47 -8.48 -18.09
N TYR A 182 -23.30 -8.18 -19.37
CA TYR A 182 -23.19 -9.19 -20.42
C TYR A 182 -21.95 -8.90 -21.24
N ARG A 183 -21.06 -9.89 -21.32
CA ARG A 183 -19.84 -9.76 -22.11
C ARG A 183 -20.13 -10.10 -23.55
N VAL A 184 -19.84 -9.16 -24.45
CA VAL A 184 -20.12 -9.29 -25.87
C VAL A 184 -18.81 -9.42 -26.64
N VAL A 185 -18.79 -10.32 -27.62
CA VAL A 185 -17.66 -10.47 -28.53
C VAL A 185 -18.22 -10.48 -29.95
N VAL A 186 -17.85 -9.47 -30.73
CA VAL A 186 -18.35 -9.30 -32.09
C VAL A 186 -17.23 -9.69 -33.05
N LEU A 187 -17.37 -10.84 -33.69
CA LEU A 187 -16.41 -11.29 -34.69
C LEU A 187 -16.83 -10.78 -36.06
N SER A 188 -15.92 -10.09 -36.74
CA SER A 188 -16.18 -9.52 -38.05
C SER A 188 -15.26 -10.17 -39.07
N PHE A 189 -15.84 -10.83 -40.07
CA PHE A 189 -15.07 -11.54 -41.07
C PHE A 189 -14.85 -10.69 -42.33
N GLN B 1 4.44 12.48 -16.34
CA GLN B 1 3.61 11.56 -15.58
C GLN B 1 2.84 12.31 -14.49
N VAL B 2 1.95 11.58 -13.80
CA VAL B 2 1.14 12.18 -12.75
C VAL B 2 1.98 12.29 -11.48
N GLN B 3 1.93 13.45 -10.84
CA GLN B 3 2.65 13.71 -9.60
C GLN B 3 1.67 14.19 -8.55
N LEU B 4 1.66 13.54 -7.40
CA LEU B 4 0.71 13.83 -6.33
C LEU B 4 1.47 14.20 -5.06
N VAL B 5 1.10 15.33 -4.47
CA VAL B 5 1.76 15.86 -3.27
C VAL B 5 0.70 16.07 -2.20
N GLU B 6 0.91 15.47 -1.03
CA GLU B 6 -0.02 15.60 0.08
C GLU B 6 0.37 16.79 0.95
N SER B 7 -0.65 17.50 1.44
CA SER B 7 -0.45 18.63 2.34
C SER B 7 -1.54 18.62 3.39
N GLY B 8 -1.23 19.20 4.55
CA GLY B 8 -2.19 19.31 5.63
C GLY B 8 -1.54 19.28 6.99
N PRO B 9 -2.29 19.66 8.02
CA PRO B 9 -1.73 19.69 9.38
C PRO B 9 -1.50 18.27 9.88
N GLY B 10 -0.26 18.00 10.31
CA GLY B 10 0.12 16.70 10.82
C GLY B 10 -0.14 16.50 12.31
N ARG B 11 -0.78 17.44 12.98
CA ARG B 11 -1.01 17.37 14.42
C ARG B 11 -2.48 17.72 14.73
N VAL B 12 -3.40 16.93 14.19
CA VAL B 12 -4.82 17.14 14.46
C VAL B 12 -5.16 16.60 15.85
N LYS B 13 -6.12 17.26 16.50
CA LYS B 13 -6.55 16.88 17.83
C LYS B 13 -7.70 15.89 17.78
N PRO B 14 -7.89 15.08 18.82
CA PRO B 14 -8.98 14.10 18.81
C PRO B 14 -10.34 14.79 18.73
N SER B 15 -11.32 14.04 18.22
CA SER B 15 -12.70 14.47 17.95
C SER B 15 -12.80 15.63 16.98
N GLN B 16 -11.68 16.14 16.45
CA GLN B 16 -11.75 17.22 15.47
C GLN B 16 -11.94 16.62 14.08
N THR B 17 -11.73 17.44 13.05
CA THR B 17 -11.90 17.02 11.66
C THR B 17 -10.55 17.10 10.96
N LEU B 18 -10.04 15.95 10.53
CA LEU B 18 -8.78 15.88 9.80
C LEU B 18 -9.02 16.23 8.34
N SER B 19 -8.22 17.16 7.81
CA SER B 19 -8.31 17.57 6.42
C SER B 19 -6.93 17.46 5.78
N LEU B 20 -6.88 16.83 4.61
CA LEU B 20 -5.65 16.71 3.83
C LEU B 20 -5.98 16.98 2.36
N THR B 21 -5.06 17.64 1.67
CA THR B 21 -5.25 18.00 0.28
C THR B 21 -4.12 17.41 -0.56
N CYS B 22 -4.48 16.87 -1.73
CA CYS B 22 -3.54 16.27 -2.66
C CYS B 22 -3.46 17.14 -3.91
N THR B 23 -2.28 17.71 -4.17
CA THR B 23 -2.07 18.56 -5.33
C THR B 23 -1.66 17.70 -6.51
N VAL B 24 -2.48 17.72 -7.57
CA VAL B 24 -2.24 16.91 -8.76
C VAL B 24 -1.58 17.78 -9.81
N SER B 25 -0.39 17.37 -10.25
CA SER B 25 0.33 18.05 -11.32
C SER B 25 0.70 17.03 -12.40
N GLY B 26 0.72 17.50 -13.65
CA GLY B 26 1.02 16.67 -14.79
C GLY B 26 -0.20 16.10 -15.48
N ASP B 27 -1.31 15.94 -14.77
CA ASP B 27 -2.55 15.44 -15.35
C ASP B 27 -3.71 16.22 -14.76
N SER B 28 -4.81 16.27 -15.50
CA SER B 28 -5.97 17.06 -15.11
C SER B 28 -6.89 16.24 -14.21
N ILE B 29 -7.54 16.94 -13.29
CA ILE B 29 -8.42 16.29 -12.34
C ILE B 29 -9.85 16.16 -12.88
N ASN B 30 -10.25 17.01 -13.81
CA ASN B 30 -11.63 17.03 -14.30
C ASN B 30 -11.74 16.55 -15.75
N SER B 31 -10.78 15.76 -16.22
CA SER B 31 -10.86 15.17 -17.55
C SER B 31 -10.20 13.80 -17.52
N GLY B 32 -10.54 12.99 -18.53
CA GLY B 32 -10.04 11.63 -18.60
C GLY B 32 -10.70 10.72 -17.58
N ILE B 33 -10.30 9.45 -17.64
CA ILE B 33 -10.81 8.42 -16.75
C ILE B 33 -9.76 8.20 -15.67
N ASN B 34 -9.98 8.80 -14.49
CA ASN B 34 -9.05 8.67 -13.38
C ASN B 34 -9.84 8.46 -12.09
N TYR B 35 -9.22 7.72 -11.17
CA TYR B 35 -9.80 7.44 -9.85
C TYR B 35 -8.81 7.96 -8.82
N TRP B 36 -9.09 9.13 -8.26
CA TRP B 36 -8.20 9.77 -7.30
C TRP B 36 -8.49 9.22 -5.90
N ASN B 37 -7.51 8.51 -5.34
CA ASN B 37 -7.71 7.71 -4.14
C ASN B 37 -7.02 8.33 -2.94
N TRP B 38 -7.47 7.90 -1.76
CA TRP B 38 -6.80 8.16 -0.49
C TRP B 38 -6.55 6.82 0.18
N ILE B 39 -5.30 6.57 0.56
CA ILE B 39 -4.89 5.35 1.22
C ILE B 39 -4.09 5.74 2.45
N ARG B 40 -4.38 5.12 3.59
CA ARG B 40 -3.63 5.39 4.81
C ARG B 40 -2.97 4.12 5.32
N GLN B 41 -1.85 4.29 6.00
CA GLN B 41 -1.09 3.16 6.53
C GLN B 41 -0.63 3.46 7.94
N PRO B 42 -1.24 2.85 8.96
CA PRO B 42 -0.74 3.01 10.32
C PRO B 42 0.67 2.45 10.45
N ALA B 43 1.42 2.98 11.40
CA ALA B 43 2.80 2.55 11.60
C ALA B 43 2.84 1.08 11.99
N GLY B 44 3.61 0.30 11.23
CA GLY B 44 3.74 -1.12 11.51
C GLY B 44 2.55 -1.96 11.11
N LYS B 45 1.57 -1.39 10.41
CA LYS B 45 0.39 -2.11 9.96
C LYS B 45 0.37 -2.16 8.44
N GLU B 46 -0.72 -2.70 7.89
CA GLU B 46 -0.88 -2.79 6.45
C GLU B 46 -1.63 -1.57 5.92
N LEU B 47 -1.81 -1.52 4.61
CA LEU B 47 -2.51 -0.41 3.98
C LEU B 47 -4.01 -0.52 4.22
N GLU B 48 -4.67 0.63 4.26
CA GLU B 48 -6.13 0.70 4.39
C GLU B 48 -6.65 1.71 3.38
N TRP B 49 -7.53 1.26 2.49
CA TRP B 49 -8.12 2.12 1.47
C TRP B 49 -9.18 3.00 2.12
N ILE B 50 -9.04 4.33 1.97
CA ILE B 50 -10.03 5.27 2.50
C ILE B 50 -11.20 5.35 1.52
N GLY B 51 -10.95 5.92 0.35
CA GLY B 51 -11.99 6.08 -0.64
C GLY B 51 -11.43 6.66 -1.92
N ARG B 52 -12.32 6.83 -2.89
CA ARG B 52 -11.94 7.30 -4.20
C ARG B 52 -12.89 8.41 -4.66
N ILE B 53 -12.42 9.23 -5.59
CA ILE B 53 -13.27 10.16 -6.31
C ILE B 53 -12.96 10.05 -7.78
N PHE B 54 -13.99 9.79 -8.59
CA PHE B 54 -13.85 9.76 -10.03
C PHE B 54 -13.80 11.19 -10.57
N THR B 55 -13.31 11.33 -11.81
CA THR B 55 -13.19 12.65 -12.40
C THR B 55 -14.53 13.35 -12.58
N SER B 56 -15.64 12.65 -12.39
CA SER B 56 -16.97 13.23 -12.50
C SER B 56 -17.56 13.61 -11.15
N GLY B 57 -16.85 13.34 -10.05
CA GLY B 57 -17.30 13.68 -8.72
C GLY B 57 -17.86 12.54 -7.91
N THR B 58 -18.24 11.44 -8.57
CA THR B 58 -18.81 10.30 -7.86
C THR B 58 -17.76 9.68 -6.94
N THR B 59 -18.16 9.42 -5.69
CA THR B 59 -17.25 8.91 -4.68
C THR B 59 -17.61 7.46 -4.32
N HIS B 60 -16.61 6.74 -3.83
CA HIS B 60 -16.77 5.36 -3.37
C HIS B 60 -15.88 5.19 -2.15
N TYR B 61 -16.43 4.66 -1.07
CA TYR B 61 -15.75 4.65 0.22
C TYR B 61 -15.59 3.22 0.75
N ASN B 62 -14.56 3.05 1.56
CA ASN B 62 -14.48 1.87 2.41
C ASN B 62 -15.65 1.88 3.37
N PRO B 63 -16.43 0.79 3.46
CA PRO B 63 -17.64 0.82 4.29
C PRO B 63 -17.38 1.11 5.75
N SER B 64 -16.19 0.78 6.28
CA SER B 64 -15.91 1.03 7.68
C SER B 64 -15.73 2.51 7.98
N LEU B 65 -15.29 3.29 6.99
CA LEU B 65 -15.07 4.73 7.16
C LEU B 65 -16.10 5.57 6.41
N LYS B 66 -17.18 4.95 5.92
CA LYS B 66 -18.14 5.68 5.09
C LYS B 66 -18.82 6.81 5.83
N SER B 67 -19.06 6.63 7.14
CA SER B 67 -19.81 7.62 7.91
C SER B 67 -18.96 8.79 8.39
N ARG B 68 -17.64 8.72 8.25
CA ARG B 68 -16.75 9.78 8.72
C ARG B 68 -15.91 10.41 7.62
N VAL B 69 -15.97 9.89 6.40
CA VAL B 69 -15.08 10.30 5.31
C VAL B 69 -15.88 11.06 4.26
N THR B 70 -15.34 12.20 3.83
CA THR B 70 -15.86 12.93 2.69
C THR B 70 -14.67 13.37 1.84
N ILE B 71 -14.64 12.94 0.58
CA ILE B 71 -13.58 13.32 -0.35
C ILE B 71 -14.18 14.20 -1.43
N SER B 72 -13.62 15.39 -1.59
CA SER B 72 -14.14 16.39 -2.52
C SER B 72 -13.05 16.76 -3.51
N VAL B 73 -13.44 17.61 -4.47
CA VAL B 73 -12.54 18.03 -5.55
C VAL B 73 -12.66 19.54 -5.71
N ASP B 74 -11.51 20.21 -5.76
CA ASP B 74 -11.43 21.62 -6.10
C ASP B 74 -10.89 21.71 -7.53
N ARG B 75 -11.80 21.82 -8.50
CA ARG B 75 -11.39 21.77 -9.90
C ARG B 75 -10.66 23.03 -10.34
N SER B 76 -10.94 24.17 -9.70
CA SER B 76 -10.20 25.39 -10.03
C SER B 76 -8.72 25.23 -9.73
N LYS B 77 -8.39 24.75 -8.53
CA LYS B 77 -7.00 24.55 -8.13
C LYS B 77 -6.43 23.23 -8.62
N ASN B 78 -7.24 22.38 -9.25
CA ASN B 78 -6.84 21.04 -9.69
C ASN B 78 -6.31 20.21 -8.52
N GLU B 79 -7.01 20.29 -7.39
CA GLU B 79 -6.70 19.52 -6.20
C GLU B 79 -7.91 18.70 -5.79
N PHE B 80 -7.65 17.63 -5.04
CA PHE B 80 -8.71 16.87 -4.38
C PHE B 80 -8.27 16.60 -2.95
N SER B 81 -9.22 16.69 -2.02
CA SER B 81 -8.92 16.66 -0.61
C SER B 81 -9.78 15.61 0.10
N LEU B 82 -9.33 15.24 1.29
CA LEU B 82 -10.01 14.27 2.14
C LEU B 82 -10.34 14.91 3.49
N THR B 83 -11.57 14.73 3.95
CA THR B 83 -11.97 15.18 5.27
C THR B 83 -12.44 13.97 6.08
N LEU B 84 -11.85 13.79 7.25
CA LEU B 84 -12.21 12.71 8.17
C LEU B 84 -12.55 13.35 9.51
N ASN B 85 -13.82 13.27 9.90
CA ASN B 85 -14.28 13.90 11.13
C ASN B 85 -14.45 12.87 12.24
N SER B 86 -14.66 13.37 13.46
CA SER B 86 -14.76 12.55 14.67
C SER B 86 -13.50 11.70 14.86
N VAL B 87 -12.34 12.32 14.64
CA VAL B 87 -11.08 11.58 14.61
C VAL B 87 -10.67 11.16 16.01
N THR B 88 -10.30 9.90 16.16
CA THR B 88 -9.77 9.35 17.40
C THR B 88 -8.28 9.04 17.24
N ALA B 89 -7.69 8.51 18.31
CA ALA B 89 -6.26 8.20 18.29
C ALA B 89 -5.91 7.11 17.28
N ALA B 90 -6.88 6.30 16.88
CA ALA B 90 -6.64 5.22 15.94
C ALA B 90 -6.52 5.70 14.50
N ASP B 91 -6.73 6.99 14.24
CA ASP B 91 -6.59 7.55 12.90
C ASP B 91 -5.19 8.09 12.63
N THR B 92 -4.26 7.92 13.56
CA THR B 92 -2.87 8.31 13.33
C THR B 92 -2.24 7.33 12.34
N ALA B 93 -1.80 7.85 11.20
CA ALA B 93 -1.23 7.02 10.15
C ALA B 93 -0.55 7.92 9.13
N VAL B 94 0.14 7.29 8.19
CA VAL B 94 0.67 7.96 7.01
C VAL B 94 -0.40 7.91 5.93
N TYR B 95 -0.73 9.06 5.36
CA TYR B 95 -1.80 9.16 4.37
C TYR B 95 -1.20 9.42 3.00
N PHE B 96 -1.46 8.52 2.06
CA PHE B 96 -1.08 8.70 0.67
C PHE B 96 -2.31 9.04 -0.15
N CYS B 97 -2.12 9.87 -1.17
CA CYS B 97 -3.07 9.96 -2.25
C CYS B 97 -2.50 9.25 -3.48
N GLY B 98 -3.39 8.88 -4.39
CA GLY B 98 -2.96 8.14 -5.56
C GLY B 98 -3.98 8.22 -6.66
N ARG B 99 -3.50 8.09 -7.90
CA ARG B 99 -4.33 8.00 -9.07
C ARG B 99 -4.48 6.53 -9.46
N GLY B 100 -5.64 6.20 -10.01
CA GLY B 100 -5.86 4.90 -10.62
C GLY B 100 -6.67 5.01 -11.88
N GLY B 101 -6.21 4.37 -12.96
CA GLY B 101 -7.00 4.32 -14.17
C GLY B 101 -8.24 3.48 -14.05
N THR B 102 -8.37 2.70 -12.98
CA THR B 102 -9.50 1.84 -12.72
C THR B 102 -10.00 2.05 -11.29
N ASP B 103 -11.23 1.58 -11.03
CA ASP B 103 -11.77 1.54 -9.68
C ASP B 103 -11.28 0.31 -8.92
N ASP B 104 -10.10 -0.21 -9.26
CA ASP B 104 -9.62 -1.45 -8.69
C ASP B 104 -8.35 -1.26 -7.88
N TYR B 105 -7.29 -0.73 -8.47
CA TYR B 105 -5.98 -0.62 -7.83
C TYR B 105 -5.49 0.82 -7.96
N VAL B 106 -4.28 1.05 -7.45
CA VAL B 106 -3.62 2.34 -7.49
C VAL B 106 -2.24 2.15 -8.08
N ASP B 107 -1.97 2.80 -9.22
CA ASP B 107 -0.68 2.65 -9.89
C ASP B 107 0.27 3.82 -9.67
N TYR B 108 -0.25 4.98 -9.29
CA TYR B 108 0.58 6.13 -8.93
C TYR B 108 0.32 6.51 -7.49
N TRP B 109 1.37 6.90 -6.77
CA TRP B 109 1.27 7.23 -5.36
C TRP B 109 2.00 8.54 -5.07
N GLY B 110 1.64 9.15 -3.94
CA GLY B 110 2.34 10.30 -3.42
C GLY B 110 3.33 9.90 -2.34
N GLN B 111 4.20 10.86 -1.98
CA GLN B 111 5.21 10.60 -0.98
C GLN B 111 4.60 10.17 0.36
N GLY B 112 3.39 10.65 0.65
CA GLY B 112 2.75 10.33 1.91
C GLY B 112 3.10 11.32 3.00
N THR B 113 2.10 11.76 3.76
CA THR B 113 2.30 12.67 4.87
C THR B 113 1.86 12.01 6.16
N LEU B 114 2.58 12.31 7.24
CA LEU B 114 2.27 11.76 8.55
C LEU B 114 1.27 12.66 9.27
N VAL B 115 0.21 12.04 9.80
CA VAL B 115 -0.81 12.74 10.56
C VAL B 115 -0.92 12.06 11.92
N THR B 116 -0.61 12.82 12.97
CA THR B 116 -0.67 12.32 14.33
C THR B 116 -1.90 12.86 15.04
N VAL B 117 -2.53 12.03 15.86
CA VAL B 117 -3.74 12.39 16.60
C VAL B 117 -3.45 12.19 18.07
N SER B 118 -3.45 13.29 18.84
CA SER B 118 -3.21 13.21 20.27
C SER B 118 -3.67 14.51 20.90
N SER B 119 -3.98 14.43 22.21
CA SER B 119 -4.34 15.62 22.96
C SER B 119 -3.10 16.34 23.48
N ALA B 120 -2.03 15.61 23.76
CA ALA B 120 -0.80 16.22 24.23
C ALA B 120 -0.18 17.07 23.14
N SER B 121 0.02 18.36 23.44
CA SER B 121 0.53 19.30 22.46
C SER B 121 2.04 19.10 22.27
N THR B 122 2.63 19.97 21.45
CA THR B 122 4.04 19.84 21.09
C THR B 122 4.92 19.95 22.33
N LYS B 123 5.96 19.12 22.38
CA LYS B 123 6.93 19.17 23.47
C LYS B 123 8.30 18.78 22.94
N GLY B 124 9.32 19.54 23.33
CA GLY B 124 10.68 19.21 22.97
C GLY B 124 11.20 18.05 23.77
N PRO B 125 12.24 17.38 23.26
CA PRO B 125 12.78 16.21 23.95
C PRO B 125 13.87 16.56 24.94
N SER B 126 14.01 15.68 25.93
CA SER B 126 15.14 15.71 26.86
C SER B 126 16.14 14.65 26.45
N VAL B 127 17.41 15.05 26.34
CA VAL B 127 18.47 14.17 25.84
C VAL B 127 19.36 13.78 27.02
N PHE B 128 19.40 12.49 27.32
CA PHE B 128 20.22 11.96 28.40
C PHE B 128 21.32 11.06 27.86
N PRO B 129 22.50 11.06 28.48
CA PRO B 129 23.61 10.27 27.95
C PRO B 129 23.53 8.81 28.38
N LEU B 130 23.87 7.92 27.44
CA LEU B 130 24.06 6.50 27.72
C LEU B 130 25.56 6.28 27.82
N ALA B 131 26.10 6.46 29.02
CA ALA B 131 27.54 6.46 29.19
C ALA B 131 28.12 5.06 29.02
N PRO B 132 29.28 4.92 28.39
CA PRO B 132 29.94 3.61 28.30
C PRO B 132 30.60 3.24 29.62
N SER B 133 30.29 2.04 30.11
CA SER B 133 30.81 1.54 31.37
C SER B 133 31.53 0.22 31.14
N SER B 134 31.99 -0.40 32.23
CA SER B 134 32.48 -1.77 32.14
C SER B 134 31.36 -2.72 31.73
N LYS B 135 30.14 -2.47 32.22
CA LYS B 135 28.96 -3.22 31.80
C LYS B 135 28.50 -2.84 30.40
N SER B 136 28.99 -1.72 29.85
CA SER B 136 28.71 -1.32 28.48
C SER B 136 29.94 -1.45 27.59
N THR B 137 30.75 -2.47 27.85
CA THR B 137 31.94 -2.76 27.05
C THR B 137 32.10 -4.27 26.94
N SER B 138 32.18 -4.77 25.71
CA SER B 138 32.36 -6.20 25.44
C SER B 138 33.63 -6.39 24.62
N GLY B 139 34.73 -6.70 25.30
CA GLY B 139 36.00 -6.84 24.62
C GLY B 139 36.64 -5.50 24.37
N GLY B 140 37.15 -5.30 23.16
CA GLY B 140 37.73 -4.03 22.76
C GLY B 140 36.74 -3.03 22.21
N THR B 141 35.45 -3.38 22.18
CA THR B 141 34.40 -2.50 21.67
C THR B 141 33.50 -2.06 22.82
N ALA B 142 33.28 -0.74 22.92
CA ALA B 142 32.39 -0.17 23.91
C ALA B 142 31.13 0.38 23.23
N ALA B 143 30.09 0.56 24.04
CA ALA B 143 28.80 1.04 23.54
C ALA B 143 28.40 2.29 24.32
N LEU B 144 28.03 3.34 23.59
CA LEU B 144 27.56 4.58 24.18
C LEU B 144 26.41 5.11 23.32
N GLY B 145 25.65 6.04 23.88
CA GLY B 145 24.53 6.58 23.12
C GLY B 145 23.85 7.72 23.82
N CYS B 146 22.68 8.06 23.29
CA CYS B 146 21.84 9.14 23.80
C CYS B 146 20.39 8.65 23.87
N LEU B 147 19.69 9.07 24.92
CA LEU B 147 18.28 8.74 25.12
C LEU B 147 17.45 9.99 24.84
N VAL B 148 16.68 9.97 23.76
CA VAL B 148 15.82 11.09 23.37
C VAL B 148 14.43 10.78 23.92
N LYS B 149 14.11 11.34 25.07
CA LYS B 149 12.93 10.95 25.84
C LYS B 149 11.90 12.06 25.89
N ASP B 150 10.63 11.68 25.81
CA ASP B 150 9.50 12.56 26.10
C ASP B 150 9.47 13.77 25.14
N TYR B 151 9.08 13.46 23.90
CA TYR B 151 8.85 14.48 22.89
C TYR B 151 7.58 14.16 22.12
N PHE B 152 7.02 15.19 21.49
CA PHE B 152 5.84 15.05 20.64
C PHE B 152 5.81 16.20 19.67
N PRO B 153 5.48 15.96 18.39
CA PRO B 153 5.21 14.65 17.79
C PRO B 153 6.43 14.10 17.08
N GLU B 154 6.25 13.07 16.26
CA GLU B 154 7.32 12.60 15.41
C GLU B 154 7.62 13.64 14.33
N PRO B 155 8.85 13.66 13.79
CA PRO B 155 10.00 12.83 14.14
C PRO B 155 11.14 13.60 14.79
N VAL B 156 12.17 12.88 15.22
CA VAL B 156 13.46 13.47 15.58
C VAL B 156 14.51 12.89 14.64
N THR B 157 15.61 13.64 14.50
CA THR B 157 16.73 13.20 13.69
C THR B 157 17.99 13.28 14.55
N VAL B 158 18.73 12.17 14.62
CA VAL B 158 19.90 12.06 15.47
C VAL B 158 21.11 11.78 14.59
N SER B 159 22.15 12.61 14.75
CA SER B 159 23.44 12.38 14.12
C SER B 159 24.52 12.41 15.20
N TRP B 160 25.69 11.89 14.85
CA TRP B 160 26.80 11.78 15.79
C TRP B 160 28.00 12.54 15.26
N ASN B 161 28.58 13.39 16.11
CA ASN B 161 29.73 14.23 15.75
C ASN B 161 29.43 15.05 14.49
N SER B 162 28.22 15.61 14.44
CA SER B 162 27.77 16.46 13.33
C SER B 162 27.82 15.73 11.99
N GLY B 163 27.69 14.40 12.02
CA GLY B 163 27.72 13.59 10.83
C GLY B 163 29.06 12.94 10.53
N ALA B 164 30.11 13.28 11.28
CA ALA B 164 31.41 12.67 11.04
C ALA B 164 31.47 11.22 11.49
N LEU B 165 30.56 10.80 12.38
CA LEU B 165 30.52 9.43 12.89
C LEU B 165 29.23 8.78 12.41
N THR B 166 29.37 7.77 11.55
CA THR B 166 28.21 7.06 11.01
C THR B 166 28.37 5.55 11.17
N SER B 167 29.61 5.07 11.17
CA SER B 167 29.88 3.64 11.26
C SER B 167 29.47 3.12 12.63
N GLY B 168 28.67 2.05 12.64
CA GLY B 168 28.23 1.43 13.87
C GLY B 168 27.11 2.14 14.59
N VAL B 169 26.51 3.15 13.98
CA VAL B 169 25.43 3.92 14.62
C VAL B 169 24.12 3.18 14.44
N HIS B 170 23.37 3.02 15.53
CA HIS B 170 22.04 2.39 15.51
C HIS B 170 21.05 3.35 16.17
N THR B 171 20.25 4.03 15.35
CA THR B 171 19.17 4.88 15.84
C THR B 171 17.88 4.06 15.78
N PHE B 172 17.31 3.78 16.96
CA PHE B 172 16.16 2.91 17.04
C PHE B 172 14.87 3.68 16.76
N PRO B 173 13.87 3.02 16.18
CA PRO B 173 12.57 3.68 15.98
C PRO B 173 11.92 4.00 17.31
N ALA B 174 11.27 5.17 17.37
CA ALA B 174 10.70 5.64 18.61
C ALA B 174 9.53 4.76 19.05
N VAL B 175 9.28 4.75 20.36
CA VAL B 175 8.18 4.01 20.96
C VAL B 175 7.23 5.00 21.61
N LEU B 176 5.94 4.81 21.39
CA LEU B 176 4.91 5.66 21.98
C LEU B 176 4.65 5.19 23.41
N GLN B 177 5.15 5.93 24.38
CA GLN B 177 4.96 5.58 25.79
C GLN B 177 3.50 5.74 26.19
N SER B 178 3.15 5.15 27.33
CA SER B 178 1.80 5.27 27.85
C SER B 178 1.44 6.70 28.22
N SER B 179 2.43 7.60 28.31
CA SER B 179 2.19 9.00 28.62
C SER B 179 1.83 9.83 27.40
N GLY B 180 1.62 9.19 26.24
CA GLY B 180 1.34 9.92 25.02
C GLY B 180 2.53 10.59 24.38
N LEU B 181 3.73 10.42 24.94
CA LEU B 181 4.94 11.03 24.43
C LEU B 181 5.88 9.96 23.88
N TYR B 182 6.64 10.34 22.87
CA TYR B 182 7.57 9.42 22.21
C TYR B 182 8.92 9.44 22.89
N SER B 183 9.58 8.28 22.88
CA SER B 183 10.92 8.14 23.42
C SER B 183 11.76 7.32 22.44
N LEU B 184 13.04 7.67 22.33
CA LEU B 184 13.92 7.08 21.34
C LEU B 184 15.33 7.03 21.90
N SER B 185 16.10 6.03 21.45
CA SER B 185 17.50 5.89 21.85
C SER B 185 18.34 5.66 20.61
N SER B 186 19.52 6.30 20.58
CA SER B 186 20.49 6.12 19.51
C SER B 186 21.82 5.72 20.11
N VAL B 187 22.37 4.60 19.66
CA VAL B 187 23.60 4.04 20.20
C VAL B 187 24.64 3.95 19.10
N VAL B 188 25.88 3.68 19.51
CA VAL B 188 26.99 3.53 18.58
C VAL B 188 28.09 2.75 19.28
N THR B 189 28.68 1.80 18.56
CA THR B 189 29.77 0.99 19.08
C THR B 189 31.10 1.56 18.62
N VAL B 190 32.02 1.77 19.56
CA VAL B 190 33.30 2.39 19.27
C VAL B 190 34.39 1.55 19.92
N PRO B 191 35.64 1.70 19.48
CA PRO B 191 36.75 1.02 20.16
C PRO B 191 36.91 1.53 21.59
N SER B 192 37.21 0.60 22.49
CA SER B 192 37.35 0.96 23.90
C SER B 192 38.54 1.89 24.13
N SER B 193 39.60 1.74 23.34
CA SER B 193 40.82 2.52 23.53
C SER B 193 40.67 3.98 23.15
N SER B 194 39.47 4.42 22.74
CA SER B 194 39.25 5.80 22.33
C SER B 194 38.31 6.57 23.24
N LEU B 195 37.85 5.97 24.34
CA LEU B 195 36.83 6.57 25.18
C LEU B 195 37.29 7.86 25.88
N GLY B 196 38.58 8.18 25.85
CA GLY B 196 39.06 9.38 26.49
C GLY B 196 39.77 10.33 25.54
N THR B 197 40.08 9.84 24.34
CA THR B 197 40.76 10.65 23.33
C THR B 197 39.82 11.17 22.26
N GLN B 198 38.65 10.55 22.09
CA GLN B 198 37.69 10.94 21.07
C GLN B 198 36.41 11.42 21.75
N THR B 199 35.94 12.60 21.36
CA THR B 199 34.71 13.16 21.90
C THR B 199 33.53 12.68 21.08
N TYR B 200 32.47 12.26 21.76
CA TYR B 200 31.26 11.75 21.11
C TYR B 200 30.10 12.66 21.48
N ILE B 201 29.49 13.26 20.47
CA ILE B 201 28.39 14.21 20.66
C ILE B 201 27.26 13.80 19.73
N CYS B 202 26.10 13.50 20.31
CA CYS B 202 24.89 13.23 19.54
C CYS B 202 24.16 14.54 19.28
N ASN B 203 23.72 14.72 18.04
CA ASN B 203 23.05 15.95 17.61
C ASN B 203 21.57 15.64 17.42
N VAL B 204 20.77 15.95 18.44
CA VAL B 204 19.33 15.72 18.39
C VAL B 204 18.65 16.94 17.81
N ASN B 205 17.77 16.71 16.84
CA ASN B 205 17.04 17.80 16.17
C ASN B 205 15.58 17.41 16.09
N HIS B 206 14.72 18.19 16.75
CA HIS B 206 13.27 17.99 16.75
C HIS B 206 12.65 19.26 16.18
N LYS B 207 12.48 19.29 14.86
CA LYS B 207 11.94 20.46 14.19
C LYS B 207 10.53 20.85 14.65
N PRO B 208 9.59 19.91 14.94
CA PRO B 208 8.25 20.34 15.37
C PRO B 208 8.23 21.25 16.59
N SER B 209 9.31 21.26 17.38
CA SER B 209 9.41 22.14 18.54
C SER B 209 10.58 23.12 18.43
N ASN B 210 11.28 23.14 17.29
CA ASN B 210 12.44 24.01 17.09
C ASN B 210 13.52 23.75 18.14
N THR B 211 13.68 22.49 18.52
CA THR B 211 14.64 22.08 19.54
C THR B 211 15.86 21.48 18.86
N LYS B 212 17.04 21.98 19.23
CA LYS B 212 18.31 21.43 18.78
C LYS B 212 19.22 21.28 20.00
N VAL B 213 19.58 20.04 20.32
CA VAL B 213 20.37 19.72 21.50
C VAL B 213 21.59 18.93 21.06
N ASP B 214 22.77 19.35 21.54
CA ASP B 214 24.02 18.63 21.32
C ASP B 214 24.46 18.09 22.68
N LYS B 215 24.38 16.78 22.85
CA LYS B 215 24.72 16.14 24.11
C LYS B 215 26.06 15.43 23.98
N ARG B 216 26.98 15.74 24.90
CA ARG B 216 28.29 15.11 24.92
C ARG B 216 28.22 13.88 25.83
N VAL B 217 28.58 12.72 25.29
CA VAL B 217 28.52 11.46 26.01
C VAL B 217 29.94 11.11 26.46
N GLU B 218 30.14 11.04 27.78
CA GLU B 218 31.43 10.70 28.36
C GLU B 218 31.32 9.42 29.18
N PRO B 219 32.40 8.66 29.30
CA PRO B 219 32.33 7.39 30.05
C PRO B 219 32.09 7.62 31.54
N LYS B 220 31.71 6.53 32.20
CA LYS B 220 31.40 6.54 33.62
C LYS B 220 32.06 5.33 34.26
N SER B 221 32.99 5.56 35.19
CA SER B 221 33.77 4.48 35.77
C SER B 221 33.05 3.78 36.93
N CYS B 222 32.42 4.54 37.83
CA CYS B 222 31.73 3.99 38.99
C CYS B 222 32.61 3.03 39.81
N ALA C 1 -16.66 -7.91 5.21
CA ALA C 1 -15.67 -7.62 4.18
C ALA C 1 -14.84 -8.86 3.86
N ILE C 2 -14.14 -8.82 2.73
CA ILE C 2 -13.26 -9.90 2.34
C ILE C 2 -11.92 -9.72 3.03
N GLN C 3 -11.44 -10.78 3.69
CA GLN C 3 -10.20 -10.74 4.45
C GLN C 3 -9.10 -11.48 3.70
N MET C 4 -7.95 -10.82 3.53
CA MET C 4 -6.81 -11.39 2.84
C MET C 4 -5.81 -11.91 3.87
N THR C 5 -5.60 -13.23 3.89
CA THR C 5 -4.61 -13.85 4.75
C THR C 5 -3.36 -14.14 3.91
N GLN C 6 -2.26 -13.49 4.26
CA GLN C 6 -1.02 -13.56 3.50
C GLN C 6 0.00 -14.38 4.26
N SER C 7 0.75 -15.22 3.54
CA SER C 7 1.72 -16.11 4.15
C SER C 7 2.97 -16.20 3.28
N PRO C 8 4.16 -16.30 3.89
CA PRO C 8 4.42 -16.28 5.34
C PRO C 8 4.49 -14.85 5.86
N SER C 9 4.45 -14.65 7.18
CA SER C 9 4.57 -13.31 7.73
C SER C 9 5.93 -12.70 7.41
N THR C 10 6.99 -13.37 7.84
CA THR C 10 8.36 -12.98 7.54
C THR C 10 9.04 -14.09 6.75
N LEU C 11 9.93 -13.71 5.84
CA LEU C 11 10.56 -14.65 4.91
C LEU C 11 12.03 -14.29 4.77
N SER C 12 12.90 -15.26 5.05
CA SER C 12 14.34 -15.08 4.90
C SER C 12 14.79 -15.67 3.58
N ALA C 13 15.54 -14.87 2.81
CA ALA C 13 15.94 -15.28 1.47
C ALA C 13 17.33 -14.73 1.17
N SER C 14 17.98 -15.35 0.19
CA SER C 14 19.27 -14.91 -0.31
C SER C 14 19.12 -14.46 -1.77
N VAL C 15 20.09 -13.67 -2.22
CA VAL C 15 20.04 -13.13 -3.58
C VAL C 15 20.17 -14.27 -4.58
N GLY C 16 19.19 -14.39 -5.47
CA GLY C 16 19.17 -15.43 -6.47
C GLY C 16 18.21 -16.58 -6.19
N ASP C 17 17.62 -16.62 -4.99
CA ASP C 17 16.69 -17.68 -4.64
C ASP C 17 15.35 -17.45 -5.34
N ARG C 18 14.45 -18.43 -5.19
CA ARG C 18 13.11 -18.37 -5.75
C ARG C 18 12.13 -18.12 -4.61
N VAL C 19 11.57 -16.92 -4.56
CA VAL C 19 10.70 -16.49 -3.49
C VAL C 19 9.25 -16.73 -3.89
N THR C 20 8.48 -17.33 -2.98
CA THR C 20 7.06 -17.60 -3.20
C THR C 20 6.27 -17.04 -2.03
N ILE C 21 5.34 -16.14 -2.33
CA ILE C 21 4.46 -15.53 -1.33
C ILE C 21 3.02 -15.84 -1.74
N THR C 22 2.22 -16.31 -0.78
CA THR C 22 0.85 -16.71 -1.05
C THR C 22 -0.13 -15.76 -0.38
N CYS C 23 -1.27 -15.57 -1.03
CA CYS C 23 -2.35 -14.72 -0.54
C CYS C 23 -3.66 -15.51 -0.64
N ARG C 24 -4.44 -15.50 0.44
CA ARG C 24 -5.67 -16.28 0.51
C ARG C 24 -6.84 -15.38 0.83
N ALA C 25 -7.87 -15.45 0.00
CA ALA C 25 -9.08 -14.66 0.20
C ALA C 25 -10.11 -15.44 0.99
N SER C 26 -10.88 -14.72 1.82
CA SER C 26 -11.89 -15.37 2.65
C SER C 26 -13.05 -15.90 1.81
N GLN C 27 -13.35 -15.26 0.70
CA GLN C 27 -14.36 -15.74 -0.25
C GLN C 27 -13.80 -15.62 -1.67
N ASP C 28 -14.58 -16.10 -2.63
CA ASP C 28 -14.14 -16.08 -4.02
C ASP C 28 -14.05 -14.65 -4.53
N ILE C 29 -12.87 -14.26 -5.01
CA ILE C 29 -12.65 -12.96 -5.59
C ILE C 29 -12.31 -13.08 -7.07
N ASN C 30 -12.53 -14.26 -7.65
CA ASN C 30 -12.22 -14.53 -9.05
C ASN C 30 -10.74 -14.26 -9.30
N SER C 31 -10.44 -13.37 -10.23
CA SER C 31 -9.05 -13.00 -10.49
C SER C 31 -8.77 -11.53 -10.16
N TRP C 32 -9.60 -10.92 -9.32
CA TRP C 32 -9.45 -9.49 -9.02
C TRP C 32 -8.50 -9.31 -7.84
N LEU C 33 -7.21 -9.41 -8.11
CA LEU C 33 -6.18 -9.25 -7.10
C LEU C 33 -5.06 -8.36 -7.63
N ALA C 34 -4.36 -7.72 -6.70
CA ALA C 34 -3.22 -6.87 -7.01
C ALA C 34 -2.09 -7.15 -6.02
N TRP C 35 -0.86 -6.92 -6.46
CA TRP C 35 0.33 -7.09 -5.63
C TRP C 35 1.13 -5.80 -5.63
N TYR C 36 1.48 -5.32 -4.43
CA TYR C 36 2.27 -4.12 -4.26
C TYR C 36 3.59 -4.45 -3.58
N GLN C 37 4.60 -3.64 -3.86
CA GLN C 37 5.88 -3.69 -3.17
C GLN C 37 6.12 -2.36 -2.46
N GLN C 38 6.63 -2.42 -1.24
CA GLN C 38 6.86 -1.20 -0.46
C GLN C 38 8.15 -1.36 0.34
N LYS C 39 9.07 -0.42 0.14
CA LYS C 39 10.27 -0.31 0.95
C LYS C 39 10.00 0.61 2.14
N PRO C 40 10.65 0.37 3.28
CA PRO C 40 10.34 1.15 4.49
C PRO C 40 10.55 2.64 4.27
N GLY C 41 9.49 3.41 4.51
CA GLY C 41 9.55 4.85 4.43
C GLY C 41 9.11 5.44 3.10
N LYS C 42 8.89 4.61 2.09
CA LYS C 42 8.50 5.08 0.77
C LYS C 42 7.08 4.64 0.45
N ALA C 43 6.56 5.15 -0.67
CA ALA C 43 5.21 4.80 -1.09
C ALA C 43 5.21 3.42 -1.75
N PRO C 44 4.10 2.69 -1.67
CA PRO C 44 4.03 1.38 -2.32
C PRO C 44 4.12 1.51 -3.84
N LYS C 45 4.60 0.44 -4.47
CA LYS C 45 4.73 0.36 -5.92
C LYS C 45 3.91 -0.80 -6.43
N LEU C 46 3.12 -0.57 -7.48
CA LEU C 46 2.29 -1.61 -8.07
C LEU C 46 3.13 -2.58 -8.87
N LEU C 47 2.95 -3.87 -8.60
CA LEU C 47 3.65 -4.93 -9.33
C LEU C 47 2.71 -5.70 -10.25
N ILE C 48 1.65 -6.29 -9.69
CA ILE C 48 0.75 -7.16 -10.42
C ILE C 48 -0.67 -6.67 -10.21
N TYR C 49 -1.48 -6.72 -11.26
CA TYR C 49 -2.92 -6.55 -11.16
C TYR C 49 -3.60 -7.63 -11.98
N ASP C 50 -4.90 -7.81 -11.71
CA ASP C 50 -5.66 -8.94 -12.28
C ASP C 50 -4.98 -10.27 -11.99
N ALA C 51 -4.31 -10.35 -10.84
CA ALA C 51 -3.66 -11.56 -10.33
C ALA C 51 -2.44 -11.98 -11.15
N SER C 52 -2.44 -11.75 -12.45
CA SER C 52 -1.39 -12.27 -13.32
C SER C 52 -0.81 -11.26 -14.31
N SER C 53 -1.37 -10.06 -14.41
CA SER C 53 -0.92 -9.08 -15.40
C SER C 53 0.18 -8.22 -14.80
N LEU C 54 1.35 -8.21 -15.44
CA LEU C 54 2.48 -7.45 -14.95
C LEU C 54 2.28 -5.96 -15.23
N HIS C 55 2.48 -5.13 -14.20
CA HIS C 55 2.41 -3.68 -14.39
C HIS C 55 3.59 -3.22 -15.25
N SER C 56 3.33 -2.20 -16.07
CA SER C 56 4.36 -1.72 -16.99
C SER C 56 5.55 -1.17 -16.23
N GLY C 57 6.75 -1.56 -16.65
CA GLY C 57 7.98 -1.16 -16.01
C GLY C 57 8.47 -2.11 -14.94
N VAL C 58 7.67 -3.10 -14.56
CA VAL C 58 8.06 -4.06 -13.52
C VAL C 58 8.98 -5.11 -14.15
N PRO C 59 10.07 -5.49 -13.48
CA PRO C 59 10.92 -6.56 -14.00
C PRO C 59 10.13 -7.85 -14.22
N THR C 60 10.55 -8.61 -15.24
CA THR C 60 9.85 -9.83 -15.62
C THR C 60 10.02 -10.96 -14.61
N ARG C 61 10.96 -10.85 -13.68
CA ARG C 61 11.14 -11.90 -12.67
C ARG C 61 9.96 -11.98 -11.72
N PHE C 62 9.07 -10.99 -11.71
CA PHE C 62 7.84 -11.06 -10.95
C PHE C 62 6.76 -11.75 -11.76
N SER C 63 6.03 -12.65 -11.11
CA SER C 63 4.95 -13.38 -11.76
C SER C 63 3.82 -13.61 -10.75
N GLY C 64 2.60 -13.45 -11.22
CA GLY C 64 1.42 -13.65 -10.39
C GLY C 64 0.56 -14.77 -10.94
N SER C 65 0.07 -15.62 -10.05
CA SER C 65 -0.73 -16.78 -10.44
C SER C 65 -1.86 -16.96 -9.43
N GLY C 66 -2.79 -17.84 -9.79
CA GLY C 66 -3.86 -18.22 -8.89
C GLY C 66 -5.16 -17.51 -9.21
N SER C 67 -6.25 -18.13 -8.75
CA SER C 67 -7.59 -17.57 -8.92
C SER C 67 -8.50 -18.19 -7.87
N GLY C 68 -9.65 -17.57 -7.67
CA GLY C 68 -10.60 -18.04 -6.69
C GLY C 68 -10.27 -17.59 -5.28
N THR C 69 -9.56 -18.43 -4.53
CA THR C 69 -9.18 -18.13 -3.16
C THR C 69 -7.69 -18.30 -2.88
N GLU C 70 -6.90 -18.75 -3.86
CA GLU C 70 -5.48 -18.97 -3.68
C GLU C 70 -4.71 -18.18 -4.74
N PHE C 71 -3.76 -17.37 -4.29
CA PHE C 71 -2.96 -16.54 -5.18
C PHE C 71 -1.50 -16.60 -4.74
N THR C 72 -0.59 -16.48 -5.70
CA THR C 72 0.83 -16.65 -5.44
C THR C 72 1.63 -15.63 -6.22
N LEU C 73 2.52 -14.92 -5.54
CA LEU C 73 3.51 -14.05 -6.17
C LEU C 73 4.85 -14.75 -6.13
N THR C 74 5.45 -14.94 -7.30
CA THR C 74 6.71 -15.69 -7.43
C THR C 74 7.78 -14.78 -8.02
N ILE C 75 8.94 -14.75 -7.37
CA ILE C 75 10.12 -14.05 -7.87
C ILE C 75 11.15 -15.11 -8.24
N SER C 76 11.43 -15.25 -9.54
CA SER C 76 12.31 -16.30 -10.03
C SER C 76 13.71 -16.18 -9.45
N SER C 77 14.42 -15.11 -9.80
CA SER C 77 15.77 -14.86 -9.29
C SER C 77 15.73 -13.59 -8.45
N LEU C 78 15.81 -13.75 -7.13
CA LEU C 78 15.76 -12.61 -6.24
C LEU C 78 16.98 -11.71 -6.42
N GLN C 79 16.79 -10.42 -6.21
CA GLN C 79 17.82 -9.41 -6.37
C GLN C 79 17.81 -8.48 -5.17
N PRO C 80 18.91 -7.76 -4.92
CA PRO C 80 18.95 -6.85 -3.75
C PRO C 80 17.86 -5.80 -3.77
N ASP C 81 17.41 -5.37 -4.94
CA ASP C 81 16.34 -4.39 -5.02
C ASP C 81 15.00 -4.94 -4.58
N ASP C 82 14.86 -6.27 -4.47
CA ASP C 82 13.59 -6.89 -4.17
C ASP C 82 13.37 -7.13 -2.68
N PHE C 83 14.36 -6.85 -1.84
CA PHE C 83 14.20 -7.01 -0.39
C PHE C 83 13.31 -5.88 0.11
N ALA C 84 12.02 -6.16 0.28
CA ALA C 84 11.05 -5.17 0.75
C ALA C 84 9.84 -5.93 1.29
N SER C 85 8.72 -5.22 1.44
CA SER C 85 7.47 -5.81 1.87
C SER C 85 6.50 -5.88 0.69
N TYR C 86 5.65 -6.90 0.71
CA TYR C 86 4.73 -7.17 -0.40
C TYR C 86 3.33 -7.36 0.13
N TYR C 87 2.37 -6.63 -0.44
CA TYR C 87 0.98 -6.69 -0.04
C TYR C 87 0.12 -7.17 -1.19
N CYS C 88 -0.92 -7.93 -0.87
CA CYS C 88 -1.95 -8.32 -1.84
C CYS C 88 -3.23 -7.58 -1.50
N GLN C 89 -3.87 -7.03 -2.53
CA GLN C 89 -5.12 -6.29 -2.38
C GLN C 89 -6.17 -6.91 -3.30
N GLN C 90 -7.30 -7.28 -2.73
CA GLN C 90 -8.44 -7.72 -3.51
C GLN C 90 -9.31 -6.52 -3.89
N TYR C 91 -10.03 -6.65 -4.99
CA TYR C 91 -11.04 -5.66 -5.37
C TYR C 91 -12.25 -6.36 -5.97
N LYS C 92 -12.72 -7.39 -5.29
CA LYS C 92 -14.00 -8.05 -5.57
C LYS C 92 -15.17 -7.36 -4.89
N SER C 93 -14.97 -6.84 -3.67
CA SER C 93 -15.99 -6.04 -2.98
C SER C 93 -15.24 -4.96 -2.19
N TYR C 94 -15.28 -3.73 -2.71
CA TYR C 94 -14.48 -2.62 -2.20
C TYR C 94 -13.00 -3.02 -2.29
N ARG C 95 -12.13 -2.39 -1.50
CA ARG C 95 -10.69 -2.66 -1.59
C ARG C 95 -10.13 -2.99 -0.21
N THR C 96 -9.69 -4.23 -0.04
CA THR C 96 -9.10 -4.71 1.20
C THR C 96 -7.68 -5.20 0.94
N PHE C 97 -6.80 -4.94 1.90
CA PHE C 97 -5.39 -5.30 1.82
C PHE C 97 -5.07 -6.48 2.73
N GLY C 98 -4.05 -7.23 2.35
CA GLY C 98 -3.48 -8.21 3.25
C GLY C 98 -2.43 -7.59 4.17
N ARG C 99 -2.07 -8.33 5.22
CA ARG C 99 -1.15 -7.77 6.22
C ARG C 99 0.29 -7.66 5.71
N GLY C 100 0.62 -8.34 4.62
CA GLY C 100 1.90 -8.16 3.99
C GLY C 100 2.89 -9.26 4.33
N THR C 101 3.96 -9.33 3.53
CA THR C 101 5.04 -10.29 3.72
C THR C 101 6.36 -9.58 3.56
N LYS C 102 7.26 -9.76 4.53
CA LYS C 102 8.57 -9.12 4.52
C LYS C 102 9.62 -10.12 4.04
N VAL C 103 10.41 -9.69 3.05
CA VAL C 103 11.49 -10.50 2.51
C VAL C 103 12.80 -9.94 3.06
N GLU C 104 13.44 -10.70 3.95
CA GLU C 104 14.66 -10.29 4.61
C GLU C 104 15.86 -11.04 4.02
N ILE C 105 17.05 -10.52 4.32
CA ILE C 105 18.28 -11.15 3.84
C ILE C 105 18.68 -12.25 4.81
N LYS C 106 18.92 -13.45 4.27
CA LYS C 106 19.33 -14.58 5.09
C LYS C 106 20.85 -14.54 5.30
N ARG C 107 21.26 -14.84 6.52
CA ARG C 107 22.67 -14.93 6.86
C ARG C 107 22.85 -15.94 7.98
N THR C 108 24.10 -16.21 8.33
CA THR C 108 24.39 -17.15 9.40
C THR C 108 23.95 -16.59 10.75
N VAL C 109 23.72 -17.50 11.69
CA VAL C 109 23.28 -17.10 13.03
C VAL C 109 24.37 -16.26 13.69
N ALA C 110 23.97 -15.09 14.18
CA ALA C 110 24.88 -14.16 14.85
C ALA C 110 24.35 -13.87 16.25
N ALA C 111 25.21 -14.07 17.26
CA ALA C 111 24.80 -13.82 18.64
C ALA C 111 24.90 -12.33 18.95
N PRO C 112 23.99 -11.81 19.76
CA PRO C 112 24.01 -10.37 20.05
C PRO C 112 25.05 -10.01 21.11
N SER C 113 25.60 -8.81 20.96
CA SER C 113 26.41 -8.19 22.00
C SER C 113 25.47 -7.44 22.93
N VAL C 114 25.48 -7.79 24.21
CA VAL C 114 24.52 -7.27 25.17
C VAL C 114 25.19 -6.21 26.03
N PHE C 115 24.55 -5.04 26.12
CA PHE C 115 25.01 -3.94 26.94
C PHE C 115 23.86 -3.47 27.82
N ILE C 116 24.19 -2.81 28.92
CA ILE C 116 23.18 -2.27 29.83
C ILE C 116 23.64 -0.92 30.35
N PHE C 117 22.72 0.05 30.38
CA PHE C 117 23.02 1.41 30.79
C PHE C 117 22.14 1.80 31.97
N PRO C 118 22.71 2.13 33.12
CA PRO C 118 21.90 2.66 34.22
C PRO C 118 21.41 4.05 33.89
N PRO C 119 20.40 4.55 34.60
CA PRO C 119 19.92 5.91 34.33
C PRO C 119 20.98 6.95 34.69
N SER C 120 21.06 8.00 33.88
CA SER C 120 22.02 9.07 34.13
C SER C 120 21.58 9.89 35.35
N ASP C 121 22.56 10.55 35.98
CA ASP C 121 22.26 11.41 37.11
C ASP C 121 21.41 12.59 36.69
N GLU C 122 21.57 13.06 35.44
CA GLU C 122 20.76 14.18 34.96
C GLU C 122 19.29 13.78 34.87
N GLN C 123 18.99 12.55 34.45
CA GLN C 123 17.61 12.11 34.38
C GLN C 123 17.03 11.84 35.77
N LEU C 124 17.85 11.28 36.67
CA LEU C 124 17.38 10.99 38.02
C LEU C 124 16.98 12.26 38.76
N LYS C 125 17.61 13.39 38.44
CA LYS C 125 17.20 14.66 39.04
C LYS C 125 15.79 15.06 38.64
N SER C 126 15.30 14.53 37.51
CA SER C 126 13.94 14.83 37.05
C SER C 126 12.89 13.97 37.73
N GLY C 127 13.28 12.91 38.44
CA GLY C 127 12.35 12.04 39.10
C GLY C 127 12.01 10.75 38.36
N THR C 128 12.72 10.44 37.27
CA THR C 128 12.46 9.25 36.47
C THR C 128 13.78 8.56 36.17
N ALA C 129 13.75 7.22 36.20
CA ALA C 129 14.92 6.40 35.88
C ALA C 129 14.57 5.52 34.69
N SER C 130 15.39 5.59 33.65
CA SER C 130 15.24 4.75 32.47
C SER C 130 16.50 3.90 32.31
N VAL C 131 16.33 2.58 32.40
CA VAL C 131 17.41 1.62 32.21
C VAL C 131 17.30 1.05 30.80
N VAL C 132 18.40 1.12 30.05
CA VAL C 132 18.42 0.74 28.64
C VAL C 132 19.26 -0.51 28.48
N CYS C 133 18.68 -1.54 27.87
CA CYS C 133 19.38 -2.78 27.53
C CYS C 133 19.53 -2.84 26.02
N LEU C 134 20.77 -3.06 25.55
CA LEU C 134 21.10 -3.01 24.14
C LEU C 134 21.53 -4.38 23.64
N LEU C 135 20.93 -4.81 22.53
CA LEU C 135 21.32 -6.04 21.84
C LEU C 135 21.82 -5.64 20.45
N ASN C 136 23.08 -5.94 20.16
CA ASN C 136 23.78 -5.36 19.03
C ASN C 136 24.10 -6.43 17.99
N ASN C 137 23.58 -6.24 16.78
CA ASN C 137 24.04 -6.97 15.60
C ASN C 137 23.86 -8.49 15.75
N PHE C 138 22.60 -8.91 15.80
CA PHE C 138 22.28 -10.32 15.88
C PHE C 138 21.44 -10.76 14.68
N TYR C 139 21.28 -12.08 14.55
CA TYR C 139 20.42 -12.69 13.54
C TYR C 139 20.16 -14.12 13.99
N PRO C 140 18.92 -14.62 13.86
CA PRO C 140 17.73 -13.96 13.30
C PRO C 140 17.12 -12.92 14.24
N ARG C 141 15.98 -12.35 13.87
CA ARG C 141 15.39 -11.27 14.66
C ARG C 141 14.80 -11.77 15.97
N GLU C 142 14.40 -13.03 16.03
CA GLU C 142 13.76 -13.57 17.23
C GLU C 142 14.71 -13.49 18.43
N ALA C 143 14.29 -12.77 19.46
CA ALA C 143 15.09 -12.62 20.67
C ALA C 143 14.16 -12.23 21.81
N LYS C 144 14.51 -12.66 23.02
CA LYS C 144 13.74 -12.36 24.22
C LYS C 144 14.61 -11.55 25.19
N VAL C 145 14.04 -10.47 25.72
CA VAL C 145 14.71 -9.64 26.71
C VAL C 145 13.89 -9.71 27.99
N GLN C 146 14.44 -10.32 29.02
CA GLN C 146 13.77 -10.50 30.30
C GLN C 146 14.43 -9.60 31.33
N TRP C 147 13.64 -8.70 31.91
CA TRP C 147 14.13 -7.82 32.96
C TRP C 147 13.97 -8.47 34.32
N LYS C 148 14.98 -8.31 35.17
CA LYS C 148 14.95 -8.83 36.53
C LYS C 148 15.41 -7.73 37.47
N VAL C 149 14.57 -7.39 38.46
CA VAL C 149 14.86 -6.38 39.46
C VAL C 149 14.89 -7.08 40.82
N ASP C 150 16.07 -7.17 41.41
CA ASP C 150 16.30 -7.94 42.63
C ASP C 150 15.77 -9.36 42.46
N ASN C 151 16.09 -9.95 41.31
CA ASN C 151 15.73 -11.31 40.93
C ASN C 151 14.23 -11.51 40.75
N ALA C 152 13.45 -10.43 40.79
CA ALA C 152 12.02 -10.49 40.48
C ALA C 152 11.82 -10.18 39.00
N LEU C 153 11.08 -11.05 38.31
CA LEU C 153 10.87 -10.89 36.87
C LEU C 153 9.94 -9.72 36.61
N GLN C 154 10.40 -8.76 35.80
CA GLN C 154 9.62 -7.56 35.51
C GLN C 154 8.85 -7.73 34.21
N SER C 155 7.63 -7.19 34.20
CA SER C 155 6.81 -7.16 33.00
C SER C 155 5.76 -6.07 33.17
N GLY C 156 5.56 -5.29 32.12
CA GLY C 156 4.58 -4.22 32.12
C GLY C 156 5.15 -2.83 32.24
N ASN C 157 6.47 -2.69 32.42
CA ASN C 157 7.11 -1.38 32.54
C ASN C 157 8.33 -1.29 31.63
N SER C 158 8.32 -2.01 30.52
CA SER C 158 9.43 -1.98 29.57
C SER C 158 8.87 -1.99 28.15
N GLN C 159 9.61 -1.36 27.24
CA GLN C 159 9.24 -1.29 25.83
C GLN C 159 10.47 -1.56 24.99
N GLU C 160 10.25 -2.24 23.85
CA GLU C 160 11.32 -2.66 22.97
C GLU C 160 11.27 -1.90 21.65
N SER C 161 12.39 -1.94 20.93
CA SER C 161 12.52 -1.29 19.63
C SER C 161 13.58 -2.02 18.83
N VAL C 162 13.22 -2.42 17.61
CA VAL C 162 14.10 -3.19 16.73
C VAL C 162 14.38 -2.36 15.49
N THR C 163 15.66 -2.31 15.10
CA THR C 163 16.03 -1.62 13.87
C THR C 163 15.71 -2.48 12.66
N GLU C 164 15.56 -1.82 11.51
CA GLU C 164 15.47 -2.54 10.25
C GLU C 164 16.77 -3.29 10.01
N GLN C 165 16.68 -4.34 9.20
CA GLN C 165 17.84 -5.16 8.91
C GLN C 165 18.92 -4.32 8.23
N ASP C 166 20.12 -4.32 8.81
CA ASP C 166 21.21 -3.54 8.27
C ASP C 166 21.58 -4.02 6.87
N SER C 167 21.65 -3.09 5.92
CA SER C 167 21.86 -3.45 4.52
C SER C 167 23.25 -4.01 4.25
N LYS C 168 24.14 -4.02 5.24
CA LYS C 168 25.49 -4.52 5.02
C LYS C 168 25.68 -5.91 5.61
N ASP C 169 25.63 -6.04 6.94
CA ASP C 169 25.84 -7.33 7.58
C ASP C 169 24.54 -8.07 7.86
N SER C 170 23.40 -7.51 7.47
CA SER C 170 22.09 -8.18 7.54
C SER C 170 21.70 -8.54 8.96
N THR C 171 22.12 -7.75 9.94
CA THR C 171 21.85 -8.02 11.35
C THR C 171 20.83 -7.03 11.90
N TYR C 172 20.25 -7.38 13.03
CA TYR C 172 19.29 -6.56 13.73
C TYR C 172 19.87 -6.07 15.05
N SER C 173 19.35 -4.93 15.53
CA SER C 173 19.70 -4.39 16.83
C SER C 173 18.41 -4.12 17.60
N LEU C 174 18.44 -4.39 18.91
CA LEU C 174 17.27 -4.23 19.76
C LEU C 174 17.61 -3.37 20.96
N SER C 175 16.68 -2.50 21.33
CA SER C 175 16.83 -1.61 22.48
C SER C 175 15.59 -1.74 23.35
N SER C 176 15.76 -2.29 24.54
CA SER C 176 14.68 -2.46 25.52
C SER C 176 14.89 -1.47 26.64
N THR C 177 13.87 -0.64 26.91
CA THR C 177 13.96 0.43 27.90
C THR C 177 13.03 0.13 29.06
N LEU C 178 13.58 0.01 30.25
CA LEU C 178 12.81 -0.14 31.48
C LEU C 178 12.68 1.22 32.14
N THR C 179 11.45 1.58 32.55
CA THR C 179 11.16 2.90 33.09
C THR C 179 10.52 2.74 34.46
N LEU C 180 11.14 3.36 35.47
CA LEU C 180 10.61 3.43 36.82
C LEU C 180 10.59 4.88 37.26
N SER C 181 9.86 5.15 38.34
CA SER C 181 10.01 6.43 39.00
C SER C 181 11.29 6.41 39.83
N LYS C 182 11.82 7.61 40.12
CA LYS C 182 13.04 7.70 40.92
C LYS C 182 12.84 7.05 42.29
N ALA C 183 11.65 7.22 42.87
CA ALA C 183 11.36 6.58 44.15
C ALA C 183 11.36 5.05 44.02
N ASP C 184 10.74 4.53 42.96
CA ASP C 184 10.75 3.09 42.74
C ASP C 184 12.14 2.58 42.38
N TYR C 185 12.94 3.40 41.69
CA TYR C 185 14.28 2.97 41.30
C TYR C 185 15.18 2.82 42.52
N GLU C 186 15.01 3.68 43.51
CA GLU C 186 15.82 3.62 44.72
C GLU C 186 15.32 2.59 45.73
N LYS C 187 14.32 1.78 45.35
CA LYS C 187 13.84 0.71 46.20
C LYS C 187 14.56 -0.61 45.96
N HIS C 188 15.46 -0.68 44.98
CA HIS C 188 16.09 -1.92 44.60
C HIS C 188 17.56 -1.69 44.29
N LYS C 189 18.33 -2.78 44.31
CA LYS C 189 19.76 -2.73 44.08
C LYS C 189 20.19 -3.38 42.77
N VAL C 190 19.70 -4.58 42.48
CA VAL C 190 20.15 -5.36 41.34
C VAL C 190 19.16 -5.19 40.20
N TYR C 191 19.64 -4.67 39.07
CA TYR C 191 18.87 -4.55 37.83
C TYR C 191 19.58 -5.33 36.75
N ALA C 192 18.86 -6.23 36.08
CA ALA C 192 19.44 -7.12 35.09
C ALA C 192 18.48 -7.33 33.93
N CYS C 193 19.03 -7.43 32.72
CA CYS C 193 18.28 -7.88 31.55
C CYS C 193 18.90 -9.17 31.06
N GLU C 194 18.08 -10.22 30.98
CA GLU C 194 18.52 -11.55 30.58
C GLU C 194 18.12 -11.78 29.12
N VAL C 195 19.11 -12.04 28.27
CA VAL C 195 18.92 -12.14 26.83
C VAL C 195 19.02 -13.60 26.43
N THR C 196 17.96 -14.11 25.80
CA THR C 196 17.94 -15.44 25.22
C THR C 196 17.85 -15.31 23.70
N HIS C 197 18.70 -16.05 23.01
CA HIS C 197 18.80 -15.95 21.55
C HIS C 197 19.35 -17.26 21.02
N GLN C 198 19.06 -17.53 19.74
CA GLN C 198 19.48 -18.78 19.12
C GLN C 198 20.99 -18.93 19.12
N GLY C 199 21.72 -17.84 18.88
CA GLY C 199 23.17 -17.86 18.89
C GLY C 199 23.81 -17.97 20.25
N LEU C 200 23.03 -18.02 21.32
CA LEU C 200 23.53 -18.14 22.68
C LEU C 200 23.16 -19.52 23.22
N SER C 201 24.19 -20.29 23.59
CA SER C 201 23.93 -21.62 24.17
C SER C 201 23.16 -21.51 25.48
N SER C 202 23.43 -20.46 26.25
CA SER C 202 22.73 -20.18 27.50
C SER C 202 22.42 -18.70 27.55
N PRO C 203 21.36 -18.30 28.26
CA PRO C 203 20.99 -16.88 28.33
C PRO C 203 22.12 -16.04 28.91
N VAL C 204 22.39 -14.91 28.27
CA VAL C 204 23.38 -13.95 28.73
C VAL C 204 22.67 -12.89 29.59
N THR C 205 23.28 -12.55 30.72
CA THR C 205 22.72 -11.59 31.65
C THR C 205 23.73 -10.49 31.93
N LYS C 206 23.37 -9.26 31.63
CA LYS C 206 24.14 -8.08 32.01
C LYS C 206 23.40 -7.35 33.12
N SER C 207 24.13 -6.92 34.15
CA SER C 207 23.49 -6.34 35.31
C SER C 207 24.42 -5.33 35.97
N PHE C 208 23.82 -4.47 36.80
CA PHE C 208 24.56 -3.53 37.62
C PHE C 208 23.88 -3.43 38.98
N ASN C 209 24.63 -2.95 39.96
CA ASN C 209 24.09 -2.64 41.28
C ASN C 209 23.96 -1.13 41.41
N ARG C 210 22.79 -0.69 41.85
CA ARG C 210 22.51 0.74 41.97
C ARG C 210 23.51 1.40 42.92
N GLY C 211 24.42 2.18 42.38
CA GLY C 211 25.46 2.82 43.17
C GLY C 211 26.78 2.91 42.44
C1 NAG D . -11.89 -20.79 -22.30
C2 NAG D . -12.10 -21.36 -23.71
C3 NAG D . -12.81 -22.71 -23.63
C4 NAG D . -12.08 -23.65 -22.69
C5 NAG D . -11.89 -22.99 -21.34
C6 NAG D . -11.06 -23.82 -20.38
C7 NAG D . -12.86 -20.47 -25.87
C8 NAG D . -13.69 -19.44 -26.56
N2 NAG D . -12.85 -20.42 -24.54
O3 NAG D . -12.90 -23.28 -24.93
O4 NAG D . -12.83 -24.86 -22.53
O5 NAG D . -11.19 -21.75 -21.50
O6 NAG D . -10.92 -23.18 -19.12
O7 NAG D . -12.22 -21.32 -26.49
#